data_4UXR
#
_entry.id   4UXR
#
_cell.length_a   1.000
_cell.length_b   1.000
_cell.length_c   1.000
_cell.angle_alpha   90.00
_cell.angle_beta   90.00
_cell.angle_gamma   90.00
#
_symmetry.space_group_name_H-M   'P 1'
#
loop_
_entity.id
_entity.type
_entity.pdbx_description
1 polymer 'TUBULIN ALPHA-1B CHAIN'
2 polymer 'TUBULIN BETA-2B CHAIN'
3 polymer 'KINESIN-3 MOTOR DOMAIN'
4 non-polymer 'ZINC ION'
5 non-polymer 'MAGNESIUM ION'
6 non-polymer "GUANOSINE-5'-TRIPHOSPHATE"
7 non-polymer "GUANOSINE-5'-DIPHOSPHATE"
8 non-polymer TAXOL
9 non-polymer "ADENOSINE-5'-DIPHOSPHATE"
10 non-polymer 'TETRAFLUOROALUMINATE ION'
#
loop_
_entity_poly.entity_id
_entity_poly.type
_entity_poly.pdbx_seq_one_letter_code
_entity_poly.pdbx_strand_id
1 'polypeptide(L)'
;MRECISIHVGQAGVQIGNACWELYCLEHGIQPDGQMPSDKTIGGGDDSFNTFFSETGAGKHVPRAVFVDLEPTVIDEVRT
GTYRQLFHPEQLITGKEDAANNYARGHYTIGKEIIDLVLDRIRKLADQCTGLQGFSVFHSFGGGTGSGFTSLLMERLSVD
YGKKSKLEFSIYPAPQVSTAVVEPYNSILTTHTTLEHSDCAFMVDNEAIYDICRRNLDIERPTYTNLNRLIGQIVSSITA
SLRFDGALNVDLTEFQTNLVPYPRGHFPLATYAPVISAEKAYHEQLSVAEITNACFEPANQMVKCDPRHGKYMACCLLYR
GDVVPKDVNAAIATIKTKRTIQFVDWCPTGFKVGINYEPPTVVPGGDLAKVQRAVCMLSNTTAIAEAWARLDHKFDLMYA
KRAFVHWYVGEGMEEGEFSEAREDMAALEKDYEEVGVDSVEGEGEEEGEEY
;
A
2 'polypeptide(L)'
;MREIVHIQAGQCGNQIGAKFWEVISDEHGIDPTGSYHGDSDLQLERINVYYNEAAGNKYVPRAILVDLEPGTMDSVRSGP
FGQIFRPDNFVFGQSGAGNNWAKGHYTEGAELVDSVLDVVRKESESCDCLQGFQLTHSLGGGTGSGMGTLLISKIREEYP
DRIMNTFSVVPSPKVSDTVVEPYNATLSVHQLVENTDETYCIDNEALYDICFRTLKLTTPTYGDLNHLVSATMSGVTTCL
RFPGQLNADLRKLAVNMVPFPRLHFFMPGFAPLTSRGSQQYRALTVPELTQQMFDAKNMMAACDPRHGRYLTVAAVFRGR
MSMKEVDEQMLNVQNKNSSYFVEWIPNNVKTAVCDIPPRGLKMSATFIGNSTAIQELFKRISEQFTAMFRRKAFLHWYTG
EGMDEMEFTEAESNMNDLVSEYQQYQDATADEQGEFEEEGEEDEA
;
B
3 'polypeptide(L)'
;SDNAIAMAGASVKVAVRVRPFNSREMSRDSKCIIQMSGSTTTIVNPKQPKETPKSFSFDYSYWSHTSPEDINYASQKQVY
RDIGEEMLQHAFEGYNVCIFAYGQTGAGKSYTMMGKQEKDQQGIIPQLCEDLFSRINDTTNDNMSYSVEVSYMEIYCERV
RDLLNPKNKGNLRVREHPLLGPYVEDLSKLAVTSYNDIQDLMDSGNKARTVAATNMNETSSRSHAVFNIIFTQKRHDAET
NITTEKVSKISLVDLAGSERADSTGAKGTRLKEGANINKSLTTLGKVISALAEMDSGPNKNKKKKKTDFIPYRDSVLTWL
LRENLGGNSRTAMVAALSPADINYDETLSTLRYADRAKQIRCNAVINHHHHHHHH
;
C
#
loop_
_chem_comp.id
_chem_comp.type
_chem_comp.name
_chem_comp.formula
ADP non-polymer ADENOSINE-5'-DIPHOSPHATE 'C10 H15 N5 O10 P2'
ALF non-polymer 'TETRAFLUOROALUMINATE ION' 'Al F4 -1'
GDP RNA linking GUANOSINE-5'-DIPHOSPHATE 'C10 H15 N5 O11 P2'
GTP non-polymer GUANOSINE-5'-TRIPHOSPHATE 'C10 H16 N5 O14 P3'
MG non-polymer 'MAGNESIUM ION' 'Mg 2'
TA1 non-polymer TAXOL 'C47 H51 N O14'
ZN non-polymer 'ZINC ION' 'Zn 2'
#
# COMPACT_ATOMS: atom_id res chain seq x y z
CA ARG A 2 29.03 7.04 28.67
CA GLU A 3 28.43 6.85 24.91
CA CYS A 4 25.26 6.78 22.83
CA ILE A 5 25.11 4.87 19.55
CA SER A 6 22.87 6.19 16.77
CA ILE A 7 20.87 4.44 14.10
CA HIS A 8 19.82 6.66 11.23
CA VAL A 9 16.91 4.88 9.54
CA GLY A 10 15.15 5.81 6.32
CA GLN A 11 16.48 8.00 3.51
CA ALA A 12 15.47 11.04 5.51
CA GLY A 13 16.90 9.83 8.81
CA VAL A 14 20.00 9.30 6.72
CA GLN A 15 20.01 12.76 5.06
CA ILE A 16 19.47 14.33 8.46
CA GLY A 17 22.08 11.87 9.61
CA ASN A 18 24.68 12.98 7.10
CA ALA A 19 23.88 16.51 8.32
CA CYS A 20 23.99 16.00 12.09
CA TRP A 21 27.03 13.91 11.36
CA GLU A 22 28.55 16.79 9.47
CA LEU A 23 28.07 19.46 12.10
CA TYR A 24 29.90 17.04 14.38
CA CYS A 25 33.41 16.74 13.01
CA LEU A 26 33.00 20.40 12.09
CA GLU A 27 33.08 21.36 15.77
CA HIS A 28 35.56 18.66 16.79
CA GLY A 29 38.35 19.41 14.32
CA ILE A 30 38.13 16.03 12.61
CA GLN A 31 38.17 16.67 8.83
CA PRO A 32 36.96 14.20 6.10
CA ASP A 33 39.42 11.51 7.06
CA GLY A 34 40.34 11.60 10.75
CA HIS A 61 38.62 8.98 13.60
CA VAL A 62 35.65 6.59 13.39
CA PRO A 63 31.93 7.40 13.79
CA ARG A 64 29.75 5.55 16.27
CA ALA A 65 26.53 4.85 14.40
CA VAL A 66 24.89 3.02 11.54
CA PHE A 67 22.82 3.68 8.42
CA VAL A 68 19.76 1.66 7.35
CA ASP A 69 17.65 1.86 4.17
CA LEU A 70 15.87 -0.47 1.77
CA GLU A 71 16.69 1.81 -1.17
CA PRO A 72 20.39 1.61 -2.00
CA THR A 73 20.74 4.84 -3.97
CA VAL A 74 20.32 6.94 -0.78
CA ILE A 75 22.86 5.34 1.58
CA ASP A 76 24.96 5.32 -1.54
CA GLU A 77 24.91 9.13 -1.26
CA VAL A 78 26.88 8.63 1.92
CA ARG A 79 29.03 6.21 -0.07
CA THR A 80 29.54 8.63 -2.99
CA GLY A 81 29.24 12.14 -1.57
CA THR A 82 30.93 13.99 1.26
CA TYR A 83 31.95 12.20 4.46
CA ARG A 84 32.58 9.22 2.21
CA GLN A 85 35.53 7.57 3.98
CA LEU A 86 34.59 8.61 7.51
CA PHE A 87 32.41 5.50 7.67
CA HIS A 88 32.91 1.77 7.61
CA PRO A 89 31.05 -0.03 4.83
CA GLU A 90 29.99 -2.09 7.82
CA GLN A 91 27.89 0.63 9.51
CA LEU A 92 26.14 1.26 6.20
CA ILE A 93 23.30 -1.25 5.80
CA THR A 94 21.29 -1.43 2.57
CA GLY A 95 18.68 -3.71 1.06
CA LYS A 96 19.06 -3.29 -2.72
CA GLU A 97 15.47 -4.47 -2.79
CA ASP A 98 12.58 -2.07 -2.46
CA ALA A 99 11.78 0.75 -0.05
CA ALA A 100 7.99 1.06 -0.44
CA ASN A 101 6.29 3.98 1.19
CA ASN A 102 4.36 1.59 3.30
CA TYR A 103 4.87 0.58 6.90
CA ALA A 104 3.85 -3.08 6.57
CA ARG A 105 6.31 -3.94 3.84
CA GLY A 106 9.11 -2.12 5.59
CA HIS A 107 8.33 -3.53 9.01
CA TYR A 108 7.09 -7.04 8.21
CA THR A 109 7.71 -8.50 4.73
CA ILE A 110 10.84 -6.82 3.40
CA GLY A 111 12.31 -4.80 6.26
CA LYS A 112 12.47 -8.07 8.19
CA GLU A 113 15.18 -9.67 6.11
CA ILE A 114 17.65 -6.90 6.97
CA ILE A 115 16.92 -6.37 10.67
CA ASP A 116 19.11 -9.25 11.91
CA LEU A 117 22.07 -7.84 10.04
CA VAL A 118 21.08 -4.36 11.20
CA LEU A 119 20.98 -5.44 14.83
CA ASP A 120 24.28 -7.23 14.46
CA ARG A 121 25.98 -3.87 14.02
CA ILE A 122 24.19 -2.25 16.96
CA ARG A 123 25.41 -5.28 18.93
CA LYS A 124 28.85 -5.29 17.32
CA LEU A 125 29.19 -1.51 17.74
CA ALA A 126 27.53 -1.72 21.16
CA ASP A 127 30.13 -4.18 22.38
CA GLN A 128 33.32 -2.48 21.21
CA CYS A 129 32.57 0.56 23.44
CA THR A 130 32.84 1.10 27.23
CA GLY A 131 29.68 1.24 29.33
CA LEU A 132 27.32 3.00 26.89
CA GLN A 133 24.10 4.87 27.67
CA GLY A 134 21.88 4.26 24.67
CA PHE A 135 21.10 4.66 20.97
CA SER A 136 20.07 7.97 19.45
CA VAL A 137 17.75 6.71 16.68
CA PHE A 138 17.05 8.90 13.62
CA HIS A 139 13.90 8.17 11.61
CA SER A 140 11.20 9.90 9.58
CA PHE A 141 7.87 8.79 11.01
CA GLY A 142 5.93 8.80 7.75
CA GLY A 143 8.06 6.67 5.47
CA GLY A 144 8.48 3.03 4.56
CA THR A 145 11.98 2.26 5.78
CA GLY A 146 11.65 4.93 8.41
CA SER A 147 8.34 4.07 10.01
CA GLY A 148 8.10 0.32 9.57
CA PHE A 149 11.64 -0.96 9.87
CA THR A 150 12.65 1.07 12.92
CA SER A 151 9.40 0.03 14.46
CA LEU A 152 10.93 -3.40 14.81
CA LEU A 153 14.50 -2.13 15.21
CA MET A 154 13.63 -0.15 18.32
CA GLU A 155 11.39 -3.11 18.99
CA ARG A 156 14.25 -5.60 19.01
CA LEU A 157 16.32 -3.12 21.11
CA SER A 158 13.91 -2.63 23.98
CA VAL A 159 14.36 -6.34 24.58
CA ASP A 160 18.07 -6.75 23.90
CA TYR A 161 19.02 -3.74 26.02
CA GLY A 162 15.98 -2.82 28.07
CA LYS A 163 18.63 -1.55 30.48
CA LYS A 164 19.48 1.62 28.54
CA SER A 165 18.19 4.78 26.92
CA LYS A 166 16.12 4.77 23.76
CA LEU A 167 15.80 8.35 22.64
CA GLU A 168 14.45 8.40 19.13
CA PHE A 169 14.78 11.61 17.21
CA SER A 170 11.83 11.81 14.80
CA ILE A 171 10.67 14.11 11.98
CA TYR A 172 6.95 13.67 12.28
CA PRO A 173 4.44 14.52 9.41
CA ALA A 174 4.12 18.13 8.23
CA PRO A 175 0.72 19.39 9.50
CA GLN A 176 -0.54 20.27 5.99
CA VAL A 177 2.49 19.83 3.78
CA SER A 178 2.88 16.07 3.93
CA THR A 179 4.42 14.19 1.05
CA ALA A 180 3.47 10.51 0.85
CA VAL A 181 -0.20 9.97 0.16
CA VAL A 182 -0.43 7.48 2.97
CA GLU A 183 1.90 9.19 5.51
CA PRO A 184 -0.58 8.77 8.43
CA TYR A 185 -0.87 5.03 7.87
CA ASN A 186 2.90 4.95 8.24
CA SER A 187 2.96 7.27 11.26
CA ILE A 188 0.12 5.96 13.32
CA LEU A 189 1.95 2.68 12.91
CA THR A 190 5.43 3.77 13.85
CA THR A 191 4.04 5.47 16.94
CA HIS A 192 2.11 2.50 18.33
CA THR A 193 4.88 0.01 17.74
CA THR A 194 7.66 2.23 19.07
CA LEU A 195 5.63 3.73 21.93
CA GLU A 196 6.16 0.75 24.17
CA HIS A 197 9.88 0.77 23.36
CA SER A 198 11.34 4.29 23.38
CA ASP A 199 12.63 6.26 26.33
CA CYS A 200 12.18 9.79 25.00
CA ALA A 201 11.15 10.64 21.47
CA PHE A 202 12.36 14.01 20.22
CA MET A 203 10.25 15.62 17.55
CA VAL A 204 11.13 18.11 14.82
CA ASP A 205 8.35 19.11 12.42
CA ASN A 206 9.54 19.45 8.84
CA GLU A 207 7.05 22.22 7.92
CA ALA A 208 7.22 24.22 11.15
CA ILE A 209 10.97 24.39 10.43
CA TYR A 210 10.34 25.99 7.07
CA ASP A 211 8.56 28.82 8.79
CA ILE A 212 11.74 29.37 10.71
CA CYS A 213 13.56 29.49 7.35
CA ARG A 214 11.06 31.99 6.00
CA ARG A 215 10.39 34.07 9.14
CA ASN A 216 13.60 33.73 11.12
CA LEU A 217 16.32 33.64 8.52
CA ASP A 218 14.52 34.68 5.35
CA ILE A 219 14.89 32.31 2.40
CA GLU A 220 12.24 30.80 0.13
CA ARG A 221 15.04 28.59 -1.15
CA PRO A 222 15.33 26.08 1.71
CA THR A 223 16.84 22.86 0.42
CA TYR A 224 16.30 19.73 2.48
CA THR A 225 20.01 20.14 3.03
CA ASN A 226 19.08 23.08 5.26
CA LEU A 227 16.40 21.70 7.53
CA ASN A 228 19.02 19.06 8.08
CA ARG A 229 21.62 21.68 9.07
CA LEU A 230 19.10 22.91 11.53
CA ILE A 231 18.13 19.72 13.28
CA GLY A 232 21.79 19.07 12.61
CA GLN A 233 22.17 21.92 15.10
CA ILE A 234 19.49 21.27 17.71
CA VAL A 235 20.80 17.70 17.80
CA SER A 236 24.36 18.85 18.33
CA SER A 237 23.08 20.50 21.46
CA ILE A 238 21.62 17.25 22.68
CA THR A 239 24.41 14.66 22.46
CA ALA A 240 27.59 16.24 21.11
CA SER A 241 28.09 19.14 23.55
CA LEU A 242 26.14 17.67 26.44
CA ARG A 243 28.13 14.44 26.58
CA PHE A 244 30.85 17.09 26.56
CA ASP A 245 32.06 18.56 29.92
CA GLY A 246 30.51 21.76 31.18
CA ALA A 247 29.33 23.82 34.13
CA LEU A 248 26.08 21.87 34.45
CA ASN A 249 26.38 18.54 32.59
CA VAL A 250 23.28 16.58 31.61
CA ASP A 251 23.53 12.85 30.86
CA LEU A 252 21.19 11.13 28.38
CA THR A 253 19.46 9.31 31.16
CA GLU A 254 19.03 12.77 32.73
CA PHE A 255 16.66 13.61 29.90
CA GLN A 256 14.12 10.85 30.05
CA THR A 257 14.23 11.29 33.84
CA ASN A 258 13.80 15.05 33.96
CA LEU A 259 11.77 14.92 30.71
CA VAL A 260 9.19 12.14 30.77
CA PRO A 261 6.51 12.18 33.44
CA TYR A 262 5.04 8.94 32.14
CA PRO A 263 6.12 5.66 30.48
CA ARG A 264 4.53 6.57 27.16
CA GLY A 265 7.77 7.10 25.18
CA HIS A 266 6.75 10.71 25.53
CA PHE A 267 7.69 13.07 22.81
CA PRO A 268 9.16 16.44 23.69
CA LEU A 269 9.76 19.15 21.03
CA ALA A 270 13.12 20.59 19.92
CA THR A 271 13.68 24.34 19.85
CA TYR A 272 16.72 26.46 19.21
CA ALA A 273 17.29 30.09 20.17
CA PRO A 274 19.80 32.08 18.12
CA VAL A 275 18.27 31.16 14.80
CA ILE A 276 19.36 34.46 13.34
CA SER A 277 20.54 34.93 9.74
CA ALA A 278 24.27 35.20 9.01
CA GLU A 279 23.83 37.97 6.50
CA LYS A 280 20.70 39.99 6.97
CA ALA A 281 20.16 41.35 10.43
CA TYR A 282 22.83 41.57 13.06
CA HIS A 283 22.07 42.07 16.66
CA GLU A 284 23.84 38.72 17.34
CA GLN A 285 24.94 39.94 20.82
CA LEU A 286 21.65 38.93 22.30
CA SER A 287 22.39 38.23 25.98
CA VAL A 288 20.80 35.21 27.59
CA ALA A 289 17.86 37.22 28.85
CA GLU A 290 16.88 37.38 25.17
CA ILE A 291 17.70 34.02 23.61
CA THR A 292 15.69 32.25 26.33
CA ASN A 293 12.60 34.28 25.77
CA ALA A 294 13.00 33.46 22.08
CA CYS A 295 12.38 29.83 22.81
CA PHE A 296 8.85 30.06 24.11
CA GLU A 297 7.47 32.22 21.34
CA PRO A 298 5.78 29.58 19.19
CA ALA A 299 7.38 30.83 15.97
CA ASN A 300 10.68 29.16 16.66
CA GLN A 301 10.18 25.60 17.68
CA MET A 302 10.71 23.17 14.84
CA VAL A 303 7.15 21.90 15.35
CA LYS A 304 3.70 23.02 14.20
CA CYS A 305 2.41 22.45 17.71
CA ASP A 306 2.11 26.12 18.63
CA PRO A 307 1.42 26.19 22.41
CA ARG A 308 -2.24 26.60 21.46
CA HIS A 309 -3.02 25.46 25.01
CA GLY A 310 -0.51 22.73 25.67
CA LYS A 311 0.87 23.32 29.13
CA TYR A 312 4.55 22.56 29.35
CA MET A 313 5.28 19.87 31.91
CA ALA A 314 9.06 19.80 31.77
CA CYS A 315 11.68 21.65 29.77
CA CYS A 316 15.39 20.90 29.48
CA LEU A 317 17.04 24.18 28.72
CA LEU A 318 20.36 23.20 27.24
CA TYR A 319 22.58 26.26 26.97
CA ARG A 320 26.00 26.39 25.41
CA GLY A 321 28.61 29.11 25.15
CA ASP A 322 29.24 32.03 27.52
CA VAL A 323 26.44 31.83 30.09
CA VAL A 324 26.42 32.91 33.76
CA PRO A 325 24.35 30.51 35.88
CA LYS A 326 22.70 33.48 37.57
CA ASP A 327 21.78 34.89 34.17
CA VAL A 328 19.90 31.64 33.71
CA ASN A 329 18.74 31.22 37.30
CA ALA A 330 16.99 34.53 36.65
CA ALA A 331 16.09 34.53 32.98
CA ILE A 332 14.17 31.39 33.85
CA ALA A 333 12.80 32.92 37.05
CA THR A 334 11.36 35.78 35.01
CA ILE A 335 9.72 33.14 32.81
CA LYS A 336 8.37 31.02 35.67
CA THR A 337 6.32 34.11 36.46
CA LYS A 338 4.97 35.07 33.04
CA ARG A 339 1.97 32.82 33.70
CA THR A 340 0.80 33.16 30.10
CA ILE A 341 3.35 30.32 29.79
CA GLN A 342 1.25 28.18 32.15
CA PHE A 343 3.10 25.02 33.30
CA VAL A 344 1.27 21.93 34.43
CA ASP A 345 -0.26 21.83 37.92
CA TRP A 346 1.29 18.70 39.37
CA CYS A 347 4.57 20.24 38.44
CA PRO A 348 6.11 22.85 40.74
CA THR A 349 9.34 23.34 38.88
CA GLY A 350 10.02 21.72 35.52
CA PHE A 351 13.19 23.40 34.29
CA LYS A 352 16.31 21.32 33.79
CA VAL A 353 19.08 23.85 33.23
CA GLY A 354 21.86 22.31 31.17
CA ILE A 355 24.95 24.48 30.77
CA ASN A 356 27.78 23.66 28.41
CA TYR A 357 30.92 25.67 27.70
CA GLU A 358 31.94 25.61 24.03
CA PRO A 359 29.61 27.97 22.09
CA PRO A 360 27.69 26.58 19.05
CA THR A 361 29.45 25.91 15.74
CA VAL A 362 27.82 27.10 12.57
CA VAL A 363 28.52 25.78 9.09
CA PRO A 364 31.39 27.85 7.56
CA GLY A 365 29.03 29.44 5.07
CA GLY A 366 25.51 28.07 5.18
CA ASP A 367 23.01 30.61 6.49
CA LEU A 368 23.19 30.22 10.27
CA ALA A 369 24.15 33.43 12.08
CA LYS A 370 26.90 32.17 14.42
CA VAL A 371 26.37 33.55 17.92
CA GLN A 372 28.40 32.95 21.07
CA ARG A 373 25.61 31.28 23.00
CA ALA A 374 22.40 29.39 22.23
CA VAL A 375 19.43 27.66 23.86
CA CYS A 376 18.30 24.26 22.57
CA MET A 377 15.29 23.82 24.78
CA LEU A 378 13.21 20.74 24.36
CA SER A 379 10.08 19.82 26.27
CA ASN A 380 6.93 17.80 26.75
CA THR A 381 3.92 20.02 26.10
CA THR A 382 0.28 19.08 26.45
CA ALA A 383 0.35 20.75 23.08
CA ILE A 384 1.00 17.68 21.04
CA ALA A 385 -2.52 16.70 22.17
CA GLU A 386 -3.11 18.59 18.96
CA ALA A 387 -0.44 17.35 16.54
CA TRP A 388 -1.36 13.75 17.38
CA ALA A 389 -5.05 14.50 17.09
CA ARG A 390 -4.72 16.16 13.67
CA LEU A 391 -2.61 13.23 12.51
CA ASP A 392 -4.90 10.58 13.86
CA HIS A 393 -7.97 12.09 12.25
CA LYS A 394 -6.11 11.97 8.91
CA PHE A 395 -5.69 8.22 9.30
CA ASP A 396 -9.37 7.53 9.93
CA LEU A 397 -10.54 9.37 6.88
CA MET A 398 -8.56 6.95 4.72
CA TYR A 399 -8.96 3.85 6.81
CA ALA A 400 -12.62 4.70 6.81
CA LYS A 401 -12.42 3.69 3.14
CA ARG A 402 -9.50 1.31 3.39
CA ALA A 403 -7.76 3.53 0.87
CA PHE A 404 -4.28 2.07 0.36
CA VAL A 405 -4.98 -0.82 2.69
CA HIS A 406 -4.52 -3.56 0.15
CA TRP A 407 -0.92 -2.41 0.02
CA TYR A 408 -0.18 -3.50 3.53
CA VAL A 409 -2.41 -6.52 3.88
CA GLY A 410 -0.66 -8.00 0.89
CA GLU A 411 2.45 -7.36 2.91
CA GLY A 412 1.83 -9.39 6.04
CA MET A 413 -0.43 -7.16 8.13
CA GLU A 414 -4.10 -7.34 8.94
CA GLU A 415 -7.23 -5.39 9.76
CA GLY A 416 -5.84 -5.99 13.21
CA GLU A 417 -2.62 -4.02 13.17
CA PHE A 418 -4.41 -1.00 11.75
CA SER A 419 -7.58 -0.94 13.84
CA GLU A 420 -5.61 -2.08 16.84
CA ALA A 421 -2.94 0.63 16.42
CA ARG A 422 -5.62 3.22 15.98
CA GLU A 423 -7.16 2.28 19.33
CA ASP A 424 -3.55 2.53 20.51
CA MET A 425 -3.06 6.18 19.74
CA ALA A 426 -6.63 6.85 20.85
CA ALA A 427 -5.34 6.39 24.42
CA LEU A 428 -2.51 8.75 23.50
CA GLU A 429 -5.06 11.46 22.79
CA LYS A 430 -6.60 10.74 26.19
CA ASP A 431 -3.22 10.37 27.85
CA TYR A 432 -1.84 13.70 26.65
CA GLU A 433 -5.21 15.10 27.71
CA GLU A 434 -5.41 13.67 31.22
CA VAL A 435 -1.82 14.42 32.26
CA GLY A 436 -2.89 18.00 31.72
CA VAL A 437 -5.89 20.31 31.28
CA ASP A 438 -6.89 18.95 34.71
CA SER A 439 -5.86 19.66 38.31
CA ARG B 2 16.74 -2.26 -9.30
CA GLU B 3 15.55 -2.94 -12.89
CA ILE B 4 12.73 -3.05 -15.48
CA VAL B 5 12.19 -4.58 -18.95
CA HIS B 6 10.35 -2.52 -21.54
CA ILE B 7 7.83 -4.17 -23.86
CA GLN B 8 7.03 -2.83 -27.38
CA ALA B 9 3.72 -4.58 -28.15
CA GLY B 10 2.25 -4.03 -31.61
CA GLN B 11 3.30 -1.38 -34.14
CA CYS B 12 2.33 1.68 -32.17
CA GLY B 13 3.77 0.42 -28.94
CA ASN B 14 6.69 -0.34 -31.18
CA GLN B 15 6.89 2.95 -33.10
CA ILE B 16 6.93 4.58 -29.67
CA GLY B 17 9.62 2.19 -28.53
CA ALA B 18 11.85 3.88 -31.05
CA LYS B 19 10.99 7.23 -29.52
CA PHE B 20 11.13 6.10 -25.91
CA TRP B 21 14.55 4.69 -26.57
CA GLU B 22 15.54 7.52 -28.85
CA VAL B 23 15.13 9.75 -25.83
CA ILE B 24 16.08 7.70 -22.80
CA SER B 25 19.40 6.82 -24.45
CA ASP B 26 20.44 10.47 -24.85
CA GLU B 27 19.20 10.84 -21.26
CA HIS B 28 21.85 8.21 -20.61
CA GLY B 29 24.50 8.98 -23.24
CA ILE B 30 24.12 5.75 -25.19
CA ASP B 31 24.82 6.17 -28.90
CA PRO B 32 23.34 3.70 -31.43
CA THR B 33 25.65 0.78 -30.62
CA GLY B 34 28.12 3.05 -28.85
CA SER B 35 28.46 3.19 -25.08
CA TYR B 36 28.18 5.82 -22.41
CA HIS B 37 29.33 9.18 -23.81
CA GLY B 38 27.42 10.69 -20.90
CA ASP B 39 28.15 14.37 -20.49
CA SER B 40 28.19 13.47 -16.80
CA ASP B 41 29.02 10.46 -14.62
CA LEU B 42 25.64 10.14 -12.90
CA GLN B 43 23.77 8.96 -16.00
CA LEU B 44 25.50 5.63 -15.49
CA GLU B 45 25.40 4.47 -11.88
CA ARG B 46 21.78 3.48 -12.37
CA ILE B 47 21.46 2.64 -16.08
CA ASN B 48 21.13 -1.08 -15.39
CA VAL B 49 17.42 -0.38 -14.97
CA TYR B 50 17.22 -0.49 -18.79
CA TYR B 51 20.36 -2.17 -20.16
CA ASN B 52 22.79 -5.09 -19.93
CA GLU B 53 26.57 -5.50 -19.76
CA ALA B 54 28.15 -7.67 -22.49
CA ALA B 55 30.94 -6.02 -24.44
CA GLY B 56 31.98 -2.89 -22.55
CA ASN B 57 30.65 -0.20 -24.87
CA LYS B 58 27.48 -2.05 -25.76
CA TYR B 59 24.79 -1.54 -23.13
CA VAL B 60 21.79 -3.01 -24.94
CA PRO B 61 18.25 -1.89 -24.18
CA ARG B 62 16.43 -4.62 -22.30
CA ALA B 63 13.05 -4.42 -23.99
CA ILE B 64 10.91 -6.73 -26.08
CA LEU B 65 9.63 -6.08 -29.60
CA VAL B 66 6.44 -8.00 -30.17
CA ASP B 67 4.59 -7.70 -33.49
CA LEU B 68 2.87 -9.84 -36.16
CA GLU B 69 3.72 -7.42 -38.97
CA PRO B 70 7.30 -7.66 -40.18
CA GLY B 71 7.51 -4.33 -42.07
CA THR B 72 7.07 -2.49 -38.77
CA MET B 73 9.93 -3.85 -36.67
CA ASP B 74 11.78 -3.88 -39.99
CA SER B 75 11.41 -0.10 -40.10
CA VAL B 76 12.42 0.36 -36.49
CA ARG B 77 15.35 -1.98 -37.00
CA SER B 78 16.34 -0.39 -40.34
CA GLY B 79 16.43 3.23 -39.23
CA PRO B 80 18.28 5.27 -36.53
CA PHE B 81 18.81 3.64 -33.13
CA GLY B 82 17.25 0.54 -34.68
CA GLN B 83 20.57 -1.32 -34.55
CA ILE B 84 21.03 -1.38 -30.76
CA PHE B 85 18.48 -4.05 -29.89
CA ARG B 86 20.00 -7.53 -29.81
CA PRO B 87 18.14 -9.47 -32.55
CA ASP B 88 17.04 -11.89 -29.85
CA ASN B 89 14.70 -9.06 -28.75
CA PHE B 90 12.70 -9.12 -31.99
CA VAL B 91 9.80 -11.51 -31.42
CA PHE B 92 8.07 -11.19 -34.77
CA GLY B 93 5.08 -13.02 -36.17
CA GLN B 94 5.30 -12.93 -39.97
CA SER B 95 1.70 -14.18 -39.92
CA GLY B 96 -1.12 -11.89 -41.01
CA ALA B 97 -1.06 -9.23 -38.28
CA GLY B 98 -4.80 -8.75 -38.84
CA ASN B 99 -6.37 -5.81 -37.05
CA ASN B 100 -8.34 -8.17 -34.85
CA TRP B 101 -7.95 -8.30 -31.08
CA ALA B 102 -8.99 -11.88 -31.41
CA LYS B 103 -6.42 -12.52 -34.11
CA GLY B 104 -3.54 -11.43 -31.91
CA HIS B 105 -4.80 -12.78 -28.60
CA TYR B 106 -6.30 -16.19 -29.38
CA THR B 107 -5.32 -17.40 -32.79
CA GLU B 108 -2.27 -15.78 -34.21
CA GLY B 109 -0.64 -14.18 -31.19
CA ALA B 110 -1.22 -17.13 -28.89
CA GLU B 111 1.39 -19.02 -30.88
CA LEU B 112 4.08 -16.35 -30.88
CA VAL B 113 3.56 -15.94 -27.13
CA ASP B 114 5.69 -18.82 -25.86
CA SER B 115 8.57 -17.60 -28.05
CA VAL B 116 8.13 -14.26 -26.27
CA LEU B 117 7.74 -15.35 -22.65
CA ASP B 118 10.93 -17.27 -23.37
CA VAL B 119 12.81 -14.03 -23.79
CA VAL B 120 10.86 -12.03 -21.20
CA ARG B 121 12.42 -14.62 -18.86
CA LYS B 122 15.87 -14.42 -20.38
CA GLU B 123 15.72 -10.68 -19.64
CA SER B 124 14.08 -10.96 -16.23
CA GLU B 125 16.63 -13.50 -15.05
CA SER B 126 19.26 -11.10 -16.35
CA CYS B 127 20.72 -9.99 -13.04
CA ASP B 128 20.31 -8.10 -9.76
CA CYS B 129 16.69 -7.52 -8.74
CA LEU B 130 13.76 -6.94 -11.06
CA GLN B 131 11.28 -4.14 -10.30
CA GLY B 132 8.70 -4.40 -13.12
CA PHE B 133 8.08 -4.14 -16.87
CA GLN B 134 7.15 -1.18 -19.07
CA LEU B 135 4.47 -1.85 -21.67
CA THR B 136 3.72 0.28 -24.72
CA HIS B 137 0.92 -0.34 -27.19
CA SER B 138 -2.38 0.87 -28.59
CA LEU B 139 -5.75 -0.47 -27.59
CA GLY B 140 -6.98 -0.11 -31.15
CA GLY B 141 -5.51 -3.02 -33.08
CA GLY B 142 -4.38 -6.64 -33.10
CA THR B 143 -0.73 -6.85 -32.11
CA GLY B 144 -1.43 -4.08 -29.66
CA SER B 145 -4.52 -4.71 -27.58
CA GLY B 146 -4.80 -8.45 -28.12
CA MET B 147 -1.30 -9.87 -28.24
CA GLY B 148 0.17 -7.28 -25.88
CA THR B 149 -2.71 -7.69 -23.49
CA LEU B 150 -1.84 -11.36 -23.47
CA LEU B 151 1.84 -10.78 -22.93
CA ILE B 152 0.93 -9.22 -19.64
CA SER B 153 -1.68 -11.72 -18.51
CA LYS B 154 1.23 -14.16 -18.74
CA ILE B 155 3.80 -11.83 -17.21
CA ARG B 156 1.47 -11.27 -14.20
CA GLU B 157 1.32 -15.02 -13.61
CA GLU B 158 5.06 -15.37 -13.76
CA TYR B 159 5.95 -12.60 -11.33
CA PRO B 160 2.88 -11.32 -9.44
CA ASP B 161 5.54 -9.52 -7.40
CA ARG B 162 7.27 -7.26 -9.88
CA ILE B 163 5.17 -4.28 -11.03
CA MET B 164 3.52 -3.57 -14.39
CA ASN B 165 3.29 -0.08 -15.80
CA THR B 166 1.19 0.12 -18.90
CA PHE B 167 1.35 2.92 -21.45
CA SER B 168 -1.84 2.66 -23.49
CA VAL B 169 -2.88 4.80 -26.41
CA VAL B 170 -6.59 4.69 -25.65
CA PRO B 171 -8.74 5.35 -28.78
CA SER B 172 -8.88 9.09 -29.33
CA PRO B 173 -12.40 10.55 -29.49
CA LYS B 174 -13.11 13.02 -32.35
CA VAL B 175 -11.71 10.62 -34.99
CA SER B 176 -10.80 6.94 -34.73
CA ASP B 177 -7.71 5.85 -36.64
CA THR B 178 -9.39 2.47 -37.04
CA VAL B 179 -12.95 1.14 -37.29
CA VAL B 180 -13.43 -1.67 -34.82
CA GLU B 181 -11.35 0.37 -32.38
CA PRO B 182 -13.85 -0.03 -29.46
CA TYR B 183 -13.69 -3.77 -30.09
CA ASN B 184 -9.91 -4.02 -29.90
CA ALA B 185 -10.09 -1.51 -27.03
CA THR B 186 -12.83 -2.61 -24.70
CA LEU B 187 -11.20 -6.03 -24.98
CA SER B 188 -7.76 -4.85 -23.96
CA VAL B 189 -8.77 -2.48 -21.14
CA HIS B 190 -10.54 -5.51 -19.69
CA GLN B 191 -7.16 -7.38 -19.53
CA LEU B 192 -5.49 -4.25 -18.13
CA VAL B 193 -7.90 -3.61 -15.20
CA GLU B 194 -6.84 -7.05 -14.13
CA ASN B 195 -3.12 -7.50 -14.57
CA THR B 196 -0.93 -4.36 -14.89
CA ASP B 197 -1.08 -2.11 -11.77
CA GLU B 198 -0.17 1.30 -13.26
CA THR B 199 -1.48 2.48 -16.63
CA TYR B 200 -0.66 5.75 -18.36
CA CYS B 201 -3.30 6.47 -21.05
CA ILE B 202 -2.29 8.78 -23.86
CA ASP B 203 -4.54 10.19 -26.63
CA ASN B 204 -3.20 10.95 -30.08
CA GLU B 205 -5.56 13.97 -30.20
CA ALA B 206 -5.00 15.16 -26.64
CA LEU B 207 -1.41 15.32 -27.86
CA TYR B 208 -2.08 17.10 -31.11
CA ASP B 209 -3.90 19.78 -29.16
CA ILE B 210 -1.23 19.96 -26.48
CA CYS B 211 1.27 19.83 -29.33
CA PHE B 212 -0.28 22.35 -31.72
CA ARG B 213 -1.31 25.00 -29.18
CA THR B 214 1.17 24.42 -26.33
CA LEU B 215 3.90 24.09 -28.95
CA LYS B 216 2.93 26.40 -31.80
CA LEU B 217 4.04 23.32 -33.77
CA THR B 218 2.07 23.41 -37.06
CA THR B 219 3.04 20.00 -38.49
CA PRO B 220 2.96 17.58 -35.54
CA THR B 221 4.15 14.39 -37.16
CA TYR B 222 3.66 11.12 -35.28
CA GLY B 223 7.34 11.08 -34.42
CA ASP B 224 6.53 14.16 -32.38
CA LEU B 225 3.51 12.89 -30.46
CA ASN B 226 5.56 9.80 -29.71
CA HIS B 227 8.45 12.00 -28.72
CA LEU B 228 6.29 13.99 -26.30
CA VAL B 229 4.91 10.82 -24.73
CA SER B 230 8.34 9.21 -24.40
CA ALA B 231 9.28 12.43 -22.60
CA THR B 232 6.83 11.62 -19.80
CA MET B 233 7.67 7.93 -19.41
CA SER B 234 11.29 9.04 -18.93
CA GLY B 235 10.34 11.43 -16.13
CA VAL B 236 8.43 8.61 -14.47
CA THR B 237 10.75 5.60 -14.37
CA THR B 238 14.37 6.25 -15.34
CA CYS B 239 14.16 9.61 -13.62
CA LEU B 240 13.33 8.33 -10.15
CA ARG B 241 16.17 5.90 -10.60
CA PHE B 242 18.26 8.99 -10.04
CA PRO B 243 19.14 10.64 -6.72
CA GLY B 244 16.87 13.23 -5.13
CA GLN B 245 16.13 15.05 -1.90
CA LEU B 246 12.96 12.98 -1.90
CA ASN B 247 13.04 10.18 -4.43
CA ALA B 248 10.46 7.56 -5.15
CA ASP B 249 10.32 4.56 -7.52
CA LEU B 250 7.59 2.67 -9.38
CA ARG B 251 6.30 1.26 -6.14
CA LYS B 252 6.18 4.55 -4.18
CA LEU B 253 4.40 5.79 -7.29
CA ALA B 254 2.21 2.75 -7.15
CA VAL B 255 1.81 2.57 -3.38
CA ASN B 256 0.81 6.24 -3.24
CA MET B 257 -1.38 6.34 -6.28
CA VAL B 258 -3.63 3.36 -6.17
CA PRO B 259 -6.21 3.54 -3.41
CA PHE B 260 -8.18 0.63 -4.80
CA PRO B 261 -6.78 -2.53 -6.55
CA ARG B 262 -8.53 -2.00 -9.90
CA LEU B 263 -5.09 -0.80 -11.00
CA HIS B 264 -6.50 2.51 -12.02
CA PHE B 265 -5.22 4.50 -14.92
CA PHE B 266 -3.45 7.80 -14.77
CA MET B 267 -2.86 10.67 -17.13
CA PRO B 268 0.71 11.90 -17.55
CA GLY B 269 1.69 15.55 -17.98
CA PHE B 270 5.09 17.08 -18.62
CA ALA B 271 6.30 20.37 -17.14
CA PRO B 272 8.22 22.78 -19.33
CA LEU B 273 6.12 22.59 -22.44
CA THR B 274 7.00 25.84 -24.17
CA SER B 275 7.44 26.49 -27.91
CA ARG B 276 11.06 26.67 -29.08
CA GLY B 277 12.52 30.14 -29.69
CA SER B 278 10.22 32.85 -28.27
CA GLN B 279 8.27 31.18 -25.47
CA GLN B 280 11.68 30.19 -23.93
CA TYR B 281 10.44 32.35 -21.13
CA ARG B 282 12.21 30.38 -18.47
CA ALA B 283 9.22 31.14 -16.26
CA LEU B 284 10.11 27.87 -14.60
CA THR B 285 10.82 29.10 -11.06
CA VAL B 286 8.29 26.39 -10.01
CA PRO B 287 4.89 28.01 -9.64
CA GLU B 288 5.19 27.93 -13.38
CA LEU B 289 5.55 24.17 -13.50
CA THR B 290 2.59 23.52 -11.22
CA GLN B 291 0.77 26.16 -13.19
CA GLN B 292 1.48 23.98 -16.21
CA MET B 293 1.00 20.38 -15.00
CA PHE B 294 -2.26 21.14 -13.20
CA ASP B 295 -4.15 22.90 -15.98
CA ALA B 296 -6.74 21.11 -18.12
CA LYS B 297 -4.95 21.21 -21.43
CA ASN B 298 -1.54 19.63 -20.94
CA MET B 299 -3.01 16.36 -19.73
CA MET B 300 -2.00 13.76 -22.32
CA ALA B 301 -5.36 12.20 -21.55
CA ALA B 302 -8.44 13.18 -23.54
CA CYS B 303 -10.64 13.97 -20.61
CA ASP B 304 -10.22 17.13 -18.59
CA PRO B 305 -9.39 16.89 -14.86
CA ARG B 306 -11.67 19.84 -14.24
CA HIS B 307 -14.40 17.28 -14.97
CA GLY B 308 -13.75 15.07 -11.97
CA ARG B 309 -11.89 14.91 -8.64
CA TYR B 310 -8.47 13.36 -8.21
CA LEU B 311 -7.56 10.48 -5.93
CA THR B 312 -3.85 10.86 -6.17
CA VAL B 313 -1.30 12.98 -7.89
CA ALA B 314 2.44 12.57 -8.24
CA ALA B 315 4.48 15.53 -9.28
CA VAL B 316 7.69 13.77 -10.04
CA PHE B 317 9.96 16.84 -10.41
CA ARG B 318 13.57 16.46 -11.57
CA GLY B 319 15.70 19.60 -11.30
CA ARG B 320 17.25 21.40 -8.29
CA MET B 321 14.51 23.18 -6.28
CA SER B 322 13.47 24.06 -2.74
CA MET B 323 11.71 21.29 -0.88
CA LYS B 324 9.93 24.32 0.47
CA GLU B 325 8.78 26.00 -2.75
CA VAL B 326 7.78 22.54 -3.90
CA ASP B 327 6.12 21.20 -0.81
CA GLU B 328 4.48 24.60 -0.45
CA GLN B 329 3.06 25.23 -3.92
CA MET B 330 1.47 21.78 -3.91
CA LEU B 331 -0.58 22.98 -0.98
CA ASN B 332 -2.16 26.16 -2.31
CA VAL B 333 -2.87 24.04 -5.35
CA GLN B 334 -4.65 21.60 -3.05
CA ASN B 335 -6.65 24.44 -1.54
CA LYS B 336 -7.47 26.61 -4.56
CA ASN B 337 -9.05 23.49 -6.01
CA SER B 338 -10.36 21.75 -2.89
CA SER B 339 -13.45 21.36 -5.03
CA TYR B 340 -11.87 18.74 -7.26
CA PHE B 341 -9.26 16.78 -5.40
CA VAL B 342 -11.39 14.36 -3.34
CA GLU B 343 -11.43 14.77 0.44
CA TRP B 344 -11.01 11.41 2.14
CA ILE B 345 -7.32 11.78 1.38
CA PRO B 346 -5.86 14.62 3.41
CA ASN B 347 -2.84 14.89 1.08
CA ASN B 348 -3.71 13.56 -2.38
CA VAL B 349 -0.51 14.87 -3.82
CA LYS B 350 2.67 12.80 -3.73
CA THR B 351 5.56 15.20 -4.12
CA ALA B 352 8.62 13.54 -5.57
CA VAL B 353 11.92 15.24 -6.22
CA CYS B 354 14.85 14.07 -8.29
CA ASP B 355 17.94 16.23 -8.79
CA ILE B 356 19.38 16.03 -12.29
CA PRO B 357 16.85 17.40 -14.83
CA PRO B 358 16.10 16.52 -18.46
CA ARG B 359 19.55 16.74 -20.06
CA GLY B 360 19.16 20.13 -21.74
CA LEU B 361 16.60 21.70 -19.39
CA LYS B 362 16.92 23.51 -16.04
CA MET B 363 13.77 22.27 -14.34
CA SER B 364 10.95 19.84 -15.21
CA ALA B 365 8.31 17.76 -13.42
CA THR B 366 6.36 14.77 -14.64
CA PHE B 367 2.73 14.61 -13.55
CA ILE B 368 0.95 11.35 -12.98
CA GLY B 369 -2.66 11.99 -12.14
CA ASN B 370 -5.16 9.44 -10.90
CA SER B 371 -8.28 11.47 -11.50
CA THR B 372 -11.84 10.23 -11.52
CA ALA B 373 -12.18 12.18 -14.72
CA ILE B 374 -10.95 9.26 -16.74
CA GLN B 375 -14.38 7.89 -16.10
CA GLU B 376 -15.54 9.99 -19.04
CA LEU B 377 -13.35 8.02 -21.42
CA PHE B 378 -14.04 4.42 -20.68
CA LYS B 379 -17.60 5.67 -20.95
CA ARG B 380 -16.82 6.83 -24.46
CA ILE B 381 -15.14 3.60 -25.44
CA SER B 382 -17.84 1.53 -23.77
CA GLU B 383 -20.49 3.50 -25.64
CA GLN B 384 -18.95 2.97 -29.09
CA PHE B 385 -18.95 -0.72 -28.31
CA THR B 386 -22.62 -1.18 -27.51
CA ALA B 387 -23.74 1.08 -30.40
CA MET B 388 -21.96 -1.37 -32.69
CA PHE B 389 -22.01 -4.50 -30.66
CA ARG B 390 -25.78 -4.28 -30.67
CA ARG B 391 -25.55 -5.00 -34.41
CA LYS B 392 -22.52 -7.30 -34.14
CA ALA B 393 -20.90 -5.00 -36.71
CA PHE B 394 -17.51 -6.40 -37.61
CA LEU B 395 -17.93 -9.28 -35.25
CA HIS B 396 -17.47 -12.08 -37.77
CA TRP B 397 -13.77 -11.15 -37.95
CA TYR B 398 -13.51 -12.02 -34.29
CA THR B 399 -15.70 -15.09 -33.91
CA GLY B 400 -14.47 -16.45 -37.24
CA GLU B 401 -11.11 -16.35 -35.49
CA GLY B 402 -12.29 -18.53 -32.67
CA MET B 403 -13.82 -16.07 -30.24
CA ASP B 404 -16.99 -16.01 -28.14
CA GLU B 405 -20.20 -13.96 -28.12
CA MET B 406 -19.83 -14.01 -24.36
CA GLU B 407 -16.22 -12.76 -24.54
CA PHE B 408 -17.25 -9.35 -25.83
CA THR B 409 -20.06 -9.28 -23.31
CA GLU B 410 -17.55 -9.96 -20.58
CA ALA B 411 -15.10 -7.21 -21.40
CA GLU B 412 -17.62 -4.46 -21.95
CA SER B 413 -19.36 -5.23 -18.69
CA ASN B 414 -16.08 -5.49 -16.78
CA MET B 415 -14.61 -2.35 -18.24
CA ASN B 416 -18.12 -0.88 -18.09
CA ASP B 417 -18.34 -1.59 -14.34
CA LEU B 418 -14.88 -0.09 -14.10
CA VAL B 419 -16.55 3.21 -15.07
CA SER B 420 -19.10 2.75 -12.34
CA GLU B 421 -16.62 2.25 -9.49
CA TYR B 422 -14.48 5.26 -10.47
CA GLN B 423 -17.58 7.41 -9.84
CA GLN B 424 -17.88 5.96 -6.34
CA TYR B 425 -15.15 8.43 -5.39
CA GLN B 426 -16.08 11.41 -7.57
CA ASP B 427 -18.90 11.36 -4.97
CA MET C 7 -41.75 -7.22 2.41
CA ALA C 8 -38.11 -8.04 2.54
CA GLY C 9 -36.34 -11.32 2.07
CA ALA C 10 -35.01 -13.54 4.73
CA SER C 11 -31.85 -12.28 6.26
CA VAL C 12 -28.62 -14.14 6.43
CA LYS C 13 -28.89 -16.47 9.34
CA VAL C 14 -26.00 -16.54 11.69
CA ALA C 15 -24.96 -18.15 14.89
CA VAL C 16 -21.93 -18.28 17.04
CA ARG C 17 -20.14 -21.29 18.36
CA VAL C 18 -17.42 -21.73 20.90
CA ARG C 19 -14.81 -24.41 21.12
CA PRO C 20 -13.40 -26.02 24.17
CA PHE C 21 -10.03 -24.81 25.37
CA ASN C 22 -6.97 -25.74 23.44
CA SER C 23 -3.52 -27.01 24.22
CA ARG C 24 -2.61 -23.52 23.23
CA GLU C 25 -5.04 -21.73 25.46
CA MET C 26 -4.21 -24.13 28.29
CA SER C 27 -0.58 -23.12 28.38
CA ARG C 28 -1.60 -19.51 28.54
CA ASP C 29 -4.34 -20.64 30.90
CA SER C 30 -6.62 -18.15 29.24
CA LYS C 31 -10.19 -18.35 30.20
CA CYS C 32 -13.23 -18.66 28.10
CA ILE C 33 -13.83 -15.02 27.56
CA ILE C 34 -17.22 -15.46 26.00
CA GLN C 35 -19.57 -18.00 27.41
CA MET C 36 -23.12 -18.36 26.34
CA SER C 37 -25.91 -20.82 26.63
CA GLY C 38 -28.30 -21.81 23.91
CA SER C 39 -29.77 -18.37 24.14
CA THR C 40 -27.74 -15.25 24.75
CA THR C 41 -24.02 -14.63 24.91
CA THR C 42 -21.67 -13.08 27.42
CA ILE C 43 -18.22 -11.80 26.59
CA VAL C 44 -16.13 -10.28 29.34
CA ASN C 45 -13.41 -7.71 29.06
CA PRO C 46 -10.42 -9.43 30.40
CA LYS C 47 -8.25 -6.37 30.28
CA GLN C 48 -10.54 -3.56 31.27
CA PRO C 49 -12.21 -4.59 34.47
CA LYS C 50 -14.15 -1.37 34.09
CA GLU C 51 -16.26 -2.01 31.05
CA THR C 52 -19.02 -4.52 31.51
CA PRO C 53 -19.34 -7.69 29.61
CA LYS C 54 -22.44 -7.10 27.58
CA SER C 55 -24.68 -9.92 26.59
CA PHE C 56 -26.13 -10.23 23.17
CA SER C 57 -28.48 -12.29 21.13
CA PHE C 58 -27.28 -14.05 18.09
CA ASP C 59 -29.49 -15.97 15.80
CA TYR C 60 -28.19 -19.18 17.19
CA SER C 61 -25.52 -19.70 19.79
CA TYR C 62 -23.65 -22.80 20.70
CA TRP C 63 -21.71 -23.65 23.78
CA SER C 64 -19.63 -26.61 22.81
CA HIS C 65 -17.20 -25.01 25.18
CA THR C 66 -17.67 -27.60 27.81
CA SER C 67 -18.14 -31.01 26.33
CA PRO C 68 -20.78 -33.47 25.36
CA GLU C 69 -20.83 -34.56 28.92
CA ASP C 70 -22.17 -31.18 29.97
CA ILE C 71 -25.87 -31.19 29.22
CA ASN C 72 -25.47 -27.62 28.17
CA TYR C 73 -23.51 -29.02 25.25
CA ALA C 74 -24.42 -28.96 21.63
CA SER C 75 -22.97 -31.68 19.49
CA GLN C 76 -22.14 -31.35 15.86
CA LYS C 77 -25.42 -33.10 15.32
CA GLN C 78 -26.88 -30.57 17.69
CA VAL C 79 -25.60 -27.70 15.61
CA TYR C 80 -26.47 -29.67 12.51
CA ARG C 81 -29.76 -30.26 14.21
CA ASP C 82 -30.95 -26.70 14.15
CA ILE C 83 -29.46 -24.90 11.17
CA GLY C 84 -29.23 -28.20 9.43
CA GLU C 85 -32.67 -29.45 8.61
CA GLU C 86 -33.85 -25.88 8.42
CA MET C 87 -31.39 -24.98 5.69
CA LEU C 88 -31.27 -28.38 4.12
CA GLN C 89 -34.99 -28.02 4.07
CA HIS C 90 -34.61 -24.96 1.88
CA ALA C 91 -33.03 -27.15 -0.75
CA PHE C 92 -36.39 -28.81 -1.04
CA GLU C 93 -38.15 -25.51 -1.08
CA GLY C 94 -35.98 -24.94 -4.08
CA TYR C 95 -33.94 -22.02 -2.93
CA ASN C 96 -30.24 -22.08 -3.12
CA VAL C 97 -28.57 -21.97 0.25
CA CYS C 98 -24.95 -21.93 1.21
CA ILE C 99 -23.55 -21.98 4.66
CA PHE C 100 -19.98 -20.83 4.88
CA ALA C 101 -17.86 -21.04 7.95
CA TYR C 102 -15.99 -17.91 8.89
CA GLY C 103 -13.72 -17.52 11.88
CA GLN C 104 -10.45 -16.44 13.36
CA THR C 105 -7.77 -19.04 13.34
CA GLY C 106 -8.12 -22.03 15.57
CA ALA C 107 -11.76 -21.09 15.64
CA GLY C 108 -13.16 -24.26 14.22
CA LYS C 109 -14.94 -23.64 10.95
CA SER C 110 -13.80 -26.85 9.40
CA TYR C 111 -14.25 -28.76 12.65
CA THR C 112 -17.81 -27.66 12.92
CA MET C 113 -18.61 -27.81 9.23
CA MET C 114 -16.48 -30.57 7.76
CA GLY C 115 -15.62 -32.14 11.04
CA LYS C 116 -13.86 -35.42 11.21
CA GLN C 117 -15.28 -38.54 9.76
CA GLU C 118 -15.10 -40.21 13.10
CA LYS C 119 -18.13 -41.47 14.89
CA ASP C 120 -20.48 -38.72 15.87
CA GLN C 121 -17.57 -36.56 14.83
CA GLN C 122 -19.34 -36.06 11.54
CA GLY C 123 -19.95 -32.43 10.84
CA ILE C 124 -22.78 -30.36 9.55
CA ILE C 125 -21.53 -30.78 6.07
CA PRO C 126 -21.56 -34.58 6.34
CA GLN C 127 -25.09 -34.70 7.70
CA LEU C 128 -27.00 -32.40 5.38
CA CYS C 129 -25.85 -34.87 2.79
CA GLU C 130 -26.80 -37.89 4.86
CA ASP C 131 -30.25 -36.72 5.85
CA LEU C 132 -30.41 -35.46 2.34
CA PHE C 133 -30.10 -38.72 0.50
CA SER C 134 -32.47 -40.26 2.93
CA ARG C 135 -35.06 -37.52 2.79
CA ILE C 136 -34.83 -38.12 -0.92
CA ASN C 137 -35.21 -41.84 -0.38
CA ASP C 138 -38.40 -41.18 1.45
CA THR C 139 -39.97 -39.75 -1.61
CA THR C 140 -43.48 -38.50 -1.93
CA ASN C 141 -44.74 -39.88 -5.21
CA ASP C 142 -42.64 -42.06 -7.44
CA ASN C 143 -43.17 -40.17 -10.62
CA MET C 144 -40.84 -37.55 -9.31
CA SER C 145 -37.27 -38.71 -9.35
CA TYR C 146 -34.27 -36.95 -7.94
CA SER C 147 -31.07 -36.10 -9.58
CA VAL C 148 -28.42 -34.89 -7.23
CA GLU C 149 -24.96 -33.77 -8.21
CA VAL C 150 -21.89 -32.66 -6.37
CA SER C 151 -18.49 -31.08 -7.12
CA TYR C 152 -15.50 -30.15 -5.09
CA MET C 153 -13.84 -26.85 -5.56
CA GLU C 154 -11.08 -25.05 -3.74
CA ILE C 155 -8.97 -22.01 -4.38
CA TYR C 156 -5.31 -22.19 -3.43
CA CYS C 157 -3.21 -19.26 -4.56
CA GLU C 158 -6.48 -18.07 -5.92
CA ARG C 159 -6.42 -20.66 -8.58
CA VAL C 160 -9.30 -23.04 -8.55
CA ARG C 161 -8.55 -26.65 -9.23
CA ASP C 162 -10.86 -29.59 -8.99
CA LEU C 163 -10.50 -31.15 -5.56
CA LEU C 164 -13.31 -33.29 -6.78
CA ASN C 165 -11.89 -34.40 -10.05
CA PRO C 166 -8.22 -34.52 -10.60
CA LYS C 167 -8.71 -34.29 -14.34
CA ASN C 168 -8.35 -30.59 -13.97
CA LYS C 169 -4.82 -30.52 -12.82
CA GLY C 170 -5.26 -27.23 -14.61
CA ASN C 171 -6.51 -24.51 -12.33
CA LEU C 172 -7.16 -21.00 -13.58
CA ARG C 173 -9.60 -20.70 -16.48
CA VAL C 174 -12.92 -18.90 -16.69
CA ARG C 175 -16.04 -18.45 -18.80
CA GLU C 176 -19.06 -16.28 -18.14
CA HIS C 177 -22.74 -15.64 -18.78
CA PRO C 178 -25.01 -12.81 -19.68
CA LEU C 179 -26.69 -13.20 -16.30
CA LEU C 180 -24.71 -15.69 -14.31
CA GLY C 181 -21.51 -13.84 -14.75
CA PRO C 182 -18.24 -15.49 -14.08
CA TYR C 183 -18.85 -19.14 -13.36
CA VAL C 184 -16.32 -21.91 -13.06
CA GLU C 185 -17.14 -24.18 -15.92
CA ASP C 186 -15.17 -27.28 -16.58
CA LEU C 187 -15.70 -28.26 -13.00
CA SER C 188 -16.75 -31.73 -13.88
CA LYS C 189 -19.53 -32.46 -11.51
CA LEU C 190 -20.87 -35.87 -10.72
CA ALA C 191 -24.35 -37.27 -10.20
CA VAL C 192 -24.43 -38.94 -6.87
CA THR C 193 -26.49 -41.98 -6.10
CA SER C 194 -26.27 -41.96 -2.38
CA TYR C 195 -24.57 -40.44 0.55
CA ASN C 196 -21.87 -43.05 0.26
CA ASP C 197 -21.05 -41.92 -3.24
CA ILE C 198 -20.68 -38.24 -2.50
CA GLN C 199 -18.65 -39.11 0.58
CA ASP C 200 -16.11 -40.81 -1.65
CA LEU C 201 -16.17 -37.55 -3.55
CA MET C 202 -15.74 -35.48 -0.49
CA ASP C 203 -12.93 -37.39 1.12
CA SER C 204 -11.21 -37.34 -2.18
CA GLY C 205 -11.76 -33.66 -2.66
CA ASN C 206 -10.81 -33.20 0.95
CA LYS C 207 -7.68 -35.28 0.75
CA ALA C 208 -6.26 -33.39 -2.19
CA ARG C 209 -7.13 -30.28 -0.26
CA THR C 210 -4.04 -28.28 0.53
CA VAL C 211 -3.31 -28.25 4.19
CA ALA C 212 -0.49 -26.43 5.82
CA ALA C 213 0.15 -26.07 9.50
CA THR C 214 1.33 -23.33 11.78
CA ASN C 215 1.92 -22.57 15.41
CA MET C 216 -1.54 -21.31 16.14
CA ASN C 217 -3.16 -24.30 14.57
CA GLU C 218 -1.92 -27.24 12.56
CA THR C 219 -5.00 -28.18 10.66
CA SER C 220 -5.27 -24.75 9.13
CA SER C 221 -6.61 -24.86 5.64
CA ARG C 222 -4.99 -22.49 3.30
CA SER C 223 -7.33 -22.76 0.40
CA HIS C 224 -11.07 -22.39 0.57
CA ALA C 225 -13.32 -25.32 0.02
CA VAL C 226 -16.65 -24.72 -1.54
CA PHE C 227 -19.00 -27.66 -1.76
CA ASN C 228 -21.57 -27.56 -4.43
CA ILE C 229 -24.38 -29.98 -4.96
CA ILE C 230 -27.11 -29.44 -7.42
CA PHE C 231 -30.33 -31.09 -6.36
CA THR C 232 -32.92 -31.31 -9.05
CA GLN C 233 -36.45 -32.23 -8.39
CA LYS C 234 -37.93 -33.40 -11.59
CA ARG C 235 -41.55 -33.94 -11.00
CA HIS C 236 -43.82 -35.40 -13.57
CA ASP C 237 -47.19 -33.96 -14.25
CA ALA C 238 -49.94 -36.18 -15.38
CA GLU C 239 -51.21 -36.60 -18.90
CA THR C 240 -48.22 -34.90 -20.41
CA ASN C 241 -44.66 -35.29 -21.56
CA ILE C 242 -43.20 -32.48 -19.50
CA THR C 243 -41.51 -32.15 -16.16
CA THR C 244 -41.29 -29.17 -13.88
CA GLU C 245 -37.62 -29.01 -13.17
CA LYS C 246 -36.62 -27.68 -9.81
CA VAL C 247 -32.98 -27.05 -9.43
CA SER C 248 -32.03 -26.24 -5.93
CA LYS C 249 -28.46 -25.50 -5.12
CA ILE C 250 -26.41 -25.73 -2.00
CA SER C 251 -22.86 -24.61 -1.44
CA LEU C 252 -20.95 -25.34 1.72
CA VAL C 253 -17.65 -23.53 1.33
CA ASP C 254 -15.44 -23.88 4.30
CA LEU C 255 -13.83 -20.51 4.28
CA ALA C 256 -10.24 -20.00 5.23
CA GLY C 257 -9.50 -17.64 8.02
CA SER C 258 -7.58 -14.48 8.55
CA GLU C 259 -4.58 -15.06 10.73
CA ARG C 260 -2.06 -12.86 12.36
CA ALA C 261 1.37 -12.37 10.87
CA ASP C 262 3.00 -12.22 14.24
CA SER C 263 1.47 -15.29 15.79
CA THR C 264 1.34 -17.59 12.84
CA GLY C 265 4.85 -16.93 11.77
CA ALA C 266 3.53 -17.67 8.37
CA LYS C 267 6.83 -17.39 6.65
CA GLY C 268 7.66 -18.35 3.15
CA THR C 269 4.73 -19.36 1.08
CA ARG C 270 2.67 -19.79 4.19
CA LEU C 271 3.14 -16.06 4.42
CA LYS C 272 2.09 -15.71 0.84
CA GLU C 273 -1.00 -17.79 1.20
CA GLY C 274 -1.75 -16.10 4.45
CA ALA C 275 -1.36 -12.84 2.59
CA ASN C 276 -3.67 -14.16 -0.04
CA ILE C 277 -6.57 -14.95 2.18
CA ASN C 278 -6.28 -11.65 3.95
CA LYS C 279 -6.63 -9.50 0.89
CA SER C 280 -9.41 -11.81 -0.06
CA LEU C 281 -10.77 -11.23 3.38
CA THR C 282 -10.33 -7.48 3.32
CA THR C 283 -12.30 -7.38 0.12
CA LEU C 284 -14.89 -9.34 1.94
CA GLY C 285 -15.08 -7.70 5.32
CA LYS C 286 -15.06 -4.51 3.32
CA VAL C 287 -17.68 -5.77 0.97
CA ILE C 288 -20.12 -7.12 3.51
CA SER C 289 -19.52 -3.74 5.09
CA ALA C 290 -20.71 -1.58 2.22
CA LEU C 291 -23.93 -3.53 1.82
CA ALA C 292 -24.22 -3.41 5.58
CA GLU C 293 -23.76 0.31 5.75
CA MET C 294 -26.35 0.70 3.06
CA ASP C 295 -29.14 -1.29 4.57
CA SER C 296 -28.35 -0.30 8.13
CA GLY C 297 -28.20 3.14 6.61
CA PRO C 298 -31.50 4.73 7.25
CA ASN C 299 -32.12 6.36 3.91
CA ASP C 308 -24.27 -1.14 -5.77
CA PHE C 309 -20.76 -1.38 -6.89
CA ILE C 310 -20.01 -4.42 -4.81
CA PRO C 311 -16.55 -5.82 -5.29
CA TYR C 312 -18.31 -8.78 -6.82
CA ARG C 313 -15.65 -8.95 -9.50
CA ASP C 314 -12.97 -7.71 -7.19
CA SER C 315 -11.86 -11.27 -6.67
CA VAL C 316 -13.18 -14.56 -7.93
CA LEU C 317 -13.99 -15.74 -4.46
CA THR C 318 -16.68 -13.12 -4.05
CA TRP C 319 -17.61 -13.86 -7.62
CA LEU C 320 -19.40 -16.97 -6.51
CA LEU C 321 -20.06 -15.07 -3.32
CA ARG C 322 -22.11 -12.66 -5.34
CA GLU C 323 -25.32 -14.56 -4.96
CA ASN C 324 -24.48 -15.40 -1.36
CA LEU C 325 -24.00 -11.93 -0.01
CA GLY C 326 -25.95 -9.67 -2.30
CA GLY C 327 -28.01 -11.65 -4.74
CA ASN C 328 -30.91 -13.96 -4.02
CA SER C 329 -29.50 -16.46 -1.62
CA ARG C 330 -30.46 -17.37 1.90
CA THR C 331 -27.06 -17.47 3.51
CA ALA C 332 -26.24 -18.41 7.01
CA MET C 333 -23.05 -17.67 8.79
CA VAL C 334 -21.43 -20.11 11.13
CA ALA C 335 -19.30 -17.93 13.31
CA ALA C 336 -16.49 -19.88 14.78
CA LEU C 337 -14.81 -18.60 17.85
CA SER C 338 -11.73 -19.26 19.88
CA PRO C 339 -12.43 -19.81 23.48
CA ALA C 340 -9.28 -17.90 24.13
CA ASP C 341 -9.12 -15.12 26.54
CA ILE C 342 -5.82 -14.36 24.88
CA ASN C 343 -7.25 -13.67 21.49
CA TYR C 344 -9.57 -11.20 23.15
CA ASP C 345 -9.36 -8.98 20.15
CA GLU C 346 -9.42 -11.69 17.58
CA THR C 347 -12.48 -13.29 19.11
CA LEU C 348 -13.89 -9.82 19.61
CA SER C 349 -13.25 -8.89 15.99
CA THR C 350 -15.25 -11.68 14.55
CA LEU C 351 -18.31 -11.01 16.67
CA ARG C 352 -18.19 -7.51 15.31
CA TYR C 353 -17.80 -9.00 11.86
CA ALA C 354 -20.74 -11.28 12.25
CA ASP C 355 -22.92 -8.61 13.68
CA ARG C 356 -21.77 -6.46 10.80
CA ALA C 357 -22.54 -9.19 8.32
CA LYS C 358 -25.67 -9.26 10.38
CA GLN C 359 -26.50 -5.87 9.05
CA ILE C 360 -26.77 -6.99 5.45
CA ARG C 361 -29.99 -8.68 4.44
CA CYS C 362 -30.52 -10.48 1.22
CA ASN C 363 -33.48 -10.35 -1.04
CA ALA C 364 -35.57 -13.29 -1.94
CA VAL C 365 -36.80 -14.93 -5.03
CA ILE C 366 -37.61 -18.59 -4.99
ZN ZN D . 24.95 43.69 17.83
MG MG E . 14.02 6.17 1.02
PG GTP F . 10.95 4.80 2.45
O1G GTP F . 11.73 5.37 1.28
O2G GTP F . 10.95 3.28 2.47
O3G GTP F . 9.47 5.17 2.40
O3B GTP F . 11.70 5.48 3.76
PB GTP F . 11.89 7.09 4.05
O1B GTP F . 13.27 7.50 3.79
O2B GTP F . 11.33 7.33 5.44
O3A GTP F . 10.88 7.78 3.13
PA GTP F . 10.64 9.20 2.64
O1A GTP F . 9.48 9.16 1.70
O2A GTP F . 11.87 9.82 2.11
O5' GTP F . 10.12 9.98 3.99
C5' GTP F . 9.83 11.35 3.76
C4' GTP F . 9.35 12.12 4.94
O4' GTP F . 10.46 12.68 5.67
C3' GTP F . 8.56 13.31 4.43
O3' GTP F . 7.63 13.73 5.41
C2' GTP F . 9.66 14.33 4.17
O2' GTP F . 9.12 15.66 4.27
C1' GTP F . 10.69 14.04 5.27
N9 GTP F . 12.10 14.16 4.87
C8 GTP F . 12.74 13.49 3.86
N7 GTP F . 14.00 13.82 3.73
C5 GTP F . 14.22 14.76 4.71
C6 GTP F . 15.37 15.47 5.04
O6 GTP F . 16.46 15.36 4.51
N1 GTP F . 15.17 16.36 6.13
C2 GTP F . 13.99 16.54 6.80
N2 GTP F . 13.98 17.41 7.76
N3 GTP F . 12.87 15.88 6.47
C4 GTP F . 13.05 15.01 5.44
PB GDP G . -1.31 -2.86 -34.39
O1B GDP G . -1.01 -3.48 -33.08
O2B GDP G . -0.22 -2.33 -35.08
O3B GDP G . -2.21 -3.91 -35.25
O3A GDP G . -2.22 -1.62 -34.07
PA GDP G . -2.00 0.00 -34.44
O1A GDP G . -0.82 0.52 -33.69
O2A GDP G . -1.89 0.08 -35.96
O5' GDP G . -3.29 0.62 -33.83
C5' GDP G . -3.82 1.89 -34.33
C4' GDP G . -3.95 2.94 -33.32
O4' GDP G . -2.59 3.28 -32.82
C3' GDP G . -4.45 4.32 -33.85
O3' GDP G . -5.32 4.87 -32.80
C2' GDP G . -3.23 5.28 -34.01
O2' GDP G . -3.41 6.68 -33.79
C1' GDP G . -2.24 4.72 -33.00
N9 GDP G . -0.83 4.78 -33.43
C8 GDP G . -0.37 3.87 -34.54
N7 GDP G . 0.96 4.34 -34.48
C5 GDP G . 1.30 5.30 -33.62
C6 GDP G . 2.34 6.12 -33.14
O6 GDP G . 3.55 5.93 -33.71
N1 GDP G . 2.21 7.02 -32.15
C2 GDP G . 0.88 7.19 -31.52
N2 GDP G . 0.98 8.13 -30.60
N3 GDP G . -0.10 6.50 -31.92
C4 GDP G . 0.07 5.59 -32.88
O01 TA1 H . 13.44 19.75 -28.91
C01 TA1 H . 13.62 20.26 -27.57
C02 TA1 H . 12.23 21.03 -27.19
O02 TA1 H . 11.24 19.94 -27.31
C03 TA1 H . 10.34 19.96 -28.40
O03 TA1 H . 10.32 20.83 -29.23
C04 TA1 H . 9.44 18.84 -28.40
C05 TA1 H . 9.35 18.22 -29.72
C06 TA1 H . 8.42 17.05 -29.79
C07 TA1 H . 7.70 16.60 -28.66
C08 TA1 H . 7.85 17.20 -27.57
C09 TA1 H . 8.69 18.33 -27.32
C10 TA1 H . 12.09 21.68 -25.71
C11 TA1 H . 10.67 21.39 -25.00
O04 TA1 H . 10.46 19.95 -24.74
C12 TA1 H . 11.22 19.25 -23.82
O05 TA1 H . 12.09 19.71 -23.16
C13 TA1 H . 10.74 17.81 -23.79
C14 TA1 H . 9.34 21.79 -25.71
O06 TA1 H . 8.92 22.63 -24.62
C15 TA1 H . 10.12 22.32 -23.88
C16 TA1 H . 10.93 23.60 -23.51
C17 TA1 H . 12.36 23.62 -24.06
O07 TA1 H . 12.99 24.87 -23.69
C18 TA1 H . 12.43 23.33 -25.63
C19 TA1 H . 11.39 24.23 -26.36
C20 TA1 H . 13.84 23.86 -26.23
O08 TA1 H . 13.84 24.79 -27.02
C21 TA1 H . 15.18 23.22 -25.83
O09 TA1 H . 16.26 23.93 -26.57
C22 TA1 H . 17.17 24.72 -25.89
O10 TA1 H . 17.18 24.90 -24.71
C23 TA1 H . 18.14 25.34 -26.84
C24 TA1 H . 15.17 21.72 -26.14
C25 TA1 H . 15.26 20.81 -25.10
C26 TA1 H . 15.09 19.30 -25.48
O11 TA1 H . 14.82 18.42 -24.35
C27 TA1 H . 15.86 17.81 -23.79
O12 TA1 H . 17.00 17.90 -24.09
C28 TA1 H . 15.38 16.89 -22.63
O13 TA1 H . 16.52 16.24 -22.09
C29 TA1 H . 14.33 15.91 -23.19
N01 TA1 H . 14.92 15.27 -24.35
C30 TA1 H . 14.20 14.77 -25.37
O14 TA1 H . 12.97 14.80 -25.41
C31 TA1 H . 15.01 14.20 -26.48
C32 TA1 H . 15.90 13.14 -26.33
C33 TA1 H . 16.66 12.65 -27.43
C34 TA1 H . 16.52 13.26 -28.70
C35 TA1 H . 15.65 14.33 -28.86
C36 TA1 H . 14.89 14.82 -27.79
C37 TA1 H . 13.84 14.93 -22.09
C38 TA1 H . 12.70 15.28 -21.36
C39 TA1 H . 12.20 14.43 -20.34
C40 TA1 H . 12.85 13.21 -20.07
C41 TA1 H . 13.97 12.86 -20.80
C42 TA1 H . 14.49 13.71 -21.82
C43 TA1 H . 13.88 19.11 -26.48
C44 TA1 H . 15.43 21.14 -23.62
C45 TA1 H . 14.97 21.22 -27.66
C46 TA1 H . 16.27 20.43 -28.11
C47 TA1 H . 14.80 22.28 -28.77
PB ADP I . -10.41 -22.82 11.21
O1B ADP I . -11.52 -22.11 11.91
O2B ADP I . -10.92 -23.46 9.94
O3B ADP I . -9.30 -21.74 10.91
PA ADP I . -10.26 -25.47 12.49
O1A ADP I . -9.31 -26.34 11.75
O2A ADP I . -11.66 -25.71 12.03
O3A ADP I . -9.85 -23.94 12.22
O5' ADP I . -10.20 -25.80 14.02
C5' ADP I . -8.96 -25.73 14.74
C4' ADP I . -8.95 -26.79 15.82
O4' ADP I . -10.04 -26.56 16.75
C3' ADP I . -9.05 -28.25 15.37
O3' ADP I . -8.08 -29.03 16.04
C2' ADP I . -10.52 -28.59 15.67
O2' ADP I . -10.75 -29.98 15.84
C1' ADP I . -10.78 -27.73 16.94
N9 ADP I . -12.18 -27.33 17.10
C8 ADP I . -12.85 -26.40 16.35
N7 ADP I . -14.11 -26.23 16.67
C5 ADP I . -14.29 -27.15 17.71
C6 ADP I . -15.39 -27.39 18.56
N6 ADP I . -16.61 -26.85 18.37
N1 ADP I . -15.20 -28.23 19.58
C2 ADP I . -14.03 -28.88 19.67
N3 ADP I . -12.90 -28.65 19.00
C4 ADP I . -13.10 -27.77 18.02
MG MG J . -9.73 -24.79 8.74
AL ALF K . -7.97 -21.80 9.45
F1 ALF K . -9.13 -21.62 8.12
F2 ALF K . -6.51 -21.88 10.50
F3 ALF K . -7.62 -20.04 9.30
F4 ALF K . -7.93 -23.60 9.24
#